data_3C6V
#
_entry.id   3C6V
#
_cell.length_a   59.136
_cell.length_b   66.913
_cell.length_c   128.507
_cell.angle_alpha   90.00
_cell.angle_beta   90.00
_cell.angle_gamma   90.00
#
_symmetry.space_group_name_H-M   'P 21 21 21'
#
loop_
_entity.id
_entity.type
_entity.pdbx_description
1 polymer 'Probable tautomerase/dehalogenase AU4130'
2 non-polymer 'SODIUM ION'
3 non-polymer 'SULFATE ION'
4 non-polymer 'CHLORIDE ION'
5 water water
#
_entity_poly.entity_id   1
_entity_poly.type   'polypeptide(L)'
_entity_poly.pdbx_seq_one_letter_code
;(MSE)GSSHHHHHHSSGRENLYFQG(MSE)PRWLIQHSPNTLTPEEKSHLAQQITQAYVGFGLPAFYVQVHFIEQPAGTS
FIGGEQHPNFVALTIYHLART(MSE)TSDEQRQGFLKRIDAFLTP(MSE)FEPKGIDWEYFVTEAPRDLWKINGLAPPAA
GSEEEKVWVRENRPVRF
;
_entity_poly.pdbx_strand_id   A,B,C
#
# COMPACT_ATOMS: atom_id res chain seq x y z
N PHE A 19 15.25 -12.35 11.49
CA PHE A 19 14.25 -11.56 10.72
C PHE A 19 13.16 -11.11 11.65
N GLN A 20 13.06 -9.81 11.83
CA GLN A 20 12.04 -9.27 12.68
C GLN A 20 10.76 -9.16 11.91
N GLY A 21 9.66 -9.24 12.63
CA GLY A 21 8.49 -8.55 12.20
C GLY A 21 7.71 -9.34 11.21
N PRO A 23 5.72 -10.17 7.67
CA PRO A 23 5.58 -9.92 6.26
C PRO A 23 4.08 -9.87 5.87
N ARG A 24 3.68 -8.83 5.15
CA ARG A 24 2.33 -8.85 4.54
C ARG A 24 2.52 -8.64 3.07
N TRP A 25 2.08 -9.61 2.26
CA TRP A 25 2.24 -9.49 0.81
C TRP A 25 0.90 -9.18 0.17
N LEU A 26 0.91 -8.22 -0.74
CA LEU A 26 -0.25 -7.98 -1.61
C LEU A 26 0.11 -8.38 -3.02
N ILE A 27 -0.73 -9.19 -3.66
CA ILE A 27 -0.41 -9.72 -4.97
C ILE A 27 -1.55 -9.39 -5.93
N GLN A 28 -1.35 -8.36 -6.75
CA GLN A 28 -2.33 -8.01 -7.79
C GLN A 28 -1.98 -8.76 -9.11
N HIS A 29 -2.97 -9.16 -9.88
CA HIS A 29 -2.70 -9.97 -11.08
C HIS A 29 -3.87 -9.91 -12.07
N SER A 30 -3.55 -10.20 -13.33
CA SER A 30 -4.56 -10.24 -14.36
C SER A 30 -5.47 -11.48 -14.23
N PRO A 31 -6.65 -11.47 -14.89
CA PRO A 31 -7.54 -12.65 -14.98
C PRO A 31 -6.84 -13.77 -15.74
N ASN A 32 -7.26 -15.01 -15.45
CA ASN A 32 -6.79 -16.20 -16.19
C ASN A 32 -5.27 -16.38 -16.13
N THR A 33 -4.69 -15.94 -15.01
CA THR A 33 -3.24 -15.86 -14.88
C THR A 33 -2.74 -16.76 -13.74
N LEU A 34 -3.44 -16.71 -12.60
CA LEU A 34 -3.15 -17.62 -11.48
C LEU A 34 -4.42 -18.41 -11.16
N THR A 35 -4.31 -19.73 -11.08
CA THR A 35 -5.44 -20.53 -10.62
C THR A 35 -5.57 -20.43 -9.07
N PRO A 36 -6.75 -20.78 -8.52
CA PRO A 36 -6.82 -20.86 -7.03
C PRO A 36 -5.76 -21.82 -6.43
N GLU A 37 -5.46 -22.93 -7.11
CA GLU A 37 -4.39 -23.86 -6.72
C GLU A 37 -2.97 -23.22 -6.71
N GLU A 38 -2.68 -22.42 -7.73
CA GLU A 38 -1.41 -21.74 -7.79
C GLU A 38 -1.29 -20.66 -6.70
N LYS A 39 -2.40 -19.96 -6.41
CA LYS A 39 -2.35 -18.94 -5.31
C LYS A 39 -2.05 -19.59 -3.97
N SER A 40 -2.72 -20.72 -3.68
CA SER A 40 -2.49 -21.48 -2.45
C SER A 40 -1.05 -21.96 -2.35
N HIS A 41 -0.52 -22.50 -3.46
CA HIS A 41 0.85 -22.97 -3.50
C HIS A 41 1.86 -21.84 -3.30
N LEU A 42 1.64 -20.73 -4.00
CA LEU A 42 2.46 -19.55 -3.78
C LEU A 42 2.45 -19.11 -2.31
N ALA A 43 1.26 -19.01 -1.70
CA ALA A 43 1.18 -18.63 -0.29
C ALA A 43 1.91 -19.59 0.65
N GLN A 44 1.83 -20.87 0.37
CA GLN A 44 2.58 -21.83 1.17
C GLN A 44 4.10 -21.68 1.00
N GLN A 45 4.56 -21.43 -0.22
CA GLN A 45 6.00 -21.21 -0.42
C GLN A 45 6.52 -19.96 0.27
N ILE A 46 5.77 -18.86 0.19
CA ILE A 46 6.11 -17.61 0.90
C ILE A 46 6.16 -17.89 2.39
N THR A 47 5.16 -18.60 2.91
CA THR A 47 5.08 -18.89 4.34
C THR A 47 6.32 -19.72 4.78
N GLN A 48 6.65 -20.74 4.01
CA GLN A 48 7.80 -21.63 4.30
C GLN A 48 9.11 -20.81 4.37
N ALA A 49 9.27 -19.88 3.43
CA ALA A 49 10.43 -18.99 3.44
C ALA A 49 10.60 -18.29 4.78
N TYR A 50 9.54 -17.64 5.26
CA TYR A 50 9.64 -16.92 6.53
C TYR A 50 9.68 -17.82 7.77
N VAL A 51 8.98 -18.94 7.74
CA VAL A 51 9.09 -19.93 8.84
C VAL A 51 10.54 -20.40 8.97
N GLY A 52 11.22 -20.55 7.83
CA GLY A 52 12.66 -20.86 7.83
C GLY A 52 13.56 -19.78 8.42
N PHE A 53 13.09 -18.54 8.42
CA PHE A 53 13.82 -17.46 9.08
C PHE A 53 13.54 -17.45 10.60
N GLY A 54 12.63 -18.32 11.06
CA GLY A 54 12.30 -18.38 12.48
C GLY A 54 11.00 -17.69 12.93
N LEU A 55 10.17 -17.22 11.99
CA LEU A 55 8.91 -16.55 12.37
C LEU A 55 7.81 -17.57 12.68
N PRO A 56 6.82 -17.20 13.54
CA PRO A 56 5.62 -18.02 13.62
C PRO A 56 4.92 -18.01 12.26
N ALA A 57 4.44 -19.17 11.82
CA ALA A 57 3.76 -19.27 10.51
C ALA A 57 2.64 -18.23 10.35
N PHE A 58 1.84 -18.08 11.41
CA PHE A 58 0.65 -17.20 11.34
C PHE A 58 0.96 -15.71 11.12
N TYR A 59 2.22 -15.29 11.31
CA TYR A 59 2.61 -13.91 10.95
C TYR A 59 2.51 -13.65 9.45
N VAL A 60 2.66 -14.68 8.65
CA VAL A 60 2.82 -14.48 7.20
C VAL A 60 1.42 -14.31 6.58
N GLN A 61 1.12 -13.12 6.06
CA GLN A 61 -0.14 -12.91 5.33
C GLN A 61 0.10 -12.63 3.84
N VAL A 62 -0.72 -13.26 3.02
CA VAL A 62 -0.57 -13.13 1.57
C VAL A 62 -2.00 -12.94 1.06
N HIS A 63 -2.25 -11.80 0.43
CA HIS A 63 -3.61 -11.52 -0.08
C HIS A 63 -3.51 -11.22 -1.56
N PHE A 64 -4.40 -11.82 -2.34
CA PHE A 64 -4.40 -11.65 -3.80
C PHE A 64 -5.58 -10.83 -4.20
N ILE A 65 -5.40 -10.01 -5.23
CA ILE A 65 -6.50 -9.22 -5.82
C ILE A 65 -6.40 -9.35 -7.32
N GLU A 66 -7.41 -9.98 -7.90
CA GLU A 66 -7.49 -10.05 -9.35
C GLU A 66 -7.98 -8.74 -9.89
N GLN A 67 -7.26 -8.23 -10.88
CA GLN A 67 -7.59 -6.94 -11.52
C GLN A 67 -8.35 -7.22 -12.82
N PRO A 68 -9.64 -6.83 -12.89
CA PRO A 68 -10.39 -7.07 -14.12
C PRO A 68 -9.72 -6.39 -15.33
N ALA A 69 -9.87 -6.95 -16.53
CA ALA A 69 -9.33 -6.31 -17.73
C ALA A 69 -9.89 -4.89 -17.82
N GLY A 70 -9.04 -3.94 -18.17
CA GLY A 70 -9.46 -2.53 -18.20
C GLY A 70 -9.13 -1.73 -16.93
N THR A 71 -8.66 -2.44 -15.88
CA THR A 71 -8.27 -1.81 -14.61
C THR A 71 -6.74 -1.80 -14.33
N SER A 72 -5.95 -2.50 -15.15
CA SER A 72 -4.48 -2.55 -14.98
C SER A 72 -3.74 -2.14 -16.24
N PHE A 73 -2.74 -1.27 -16.06
CA PHE A 73 -2.00 -0.72 -17.22
C PHE A 73 -0.51 -0.76 -16.89
N ILE A 74 0.25 -1.33 -17.80
CA ILE A 74 1.70 -1.38 -17.65
C ILE A 74 2.21 -0.77 -18.94
N GLY A 75 2.99 0.29 -18.81
CA GLY A 75 3.45 1.04 -19.99
C GLY A 75 2.29 1.65 -20.73
N GLY A 76 1.19 1.91 -20.02
CA GLY A 76 0.04 2.59 -20.61
C GLY A 76 -0.88 1.69 -21.38
N GLU A 77 -0.61 0.38 -21.38
CA GLU A 77 -1.44 -0.59 -22.11
C GLU A 77 -1.99 -1.62 -21.15
N GLN A 78 -3.16 -2.17 -21.44
CA GLN A 78 -3.64 -3.27 -20.59
C GLN A 78 -2.60 -4.39 -20.66
N HIS A 79 -2.38 -5.07 -19.56
CA HIS A 79 -1.47 -6.21 -19.57
C HIS A 79 -2.27 -7.48 -19.17
N PRO A 80 -2.30 -8.50 -20.06
CA PRO A 80 -3.09 -9.70 -19.81
C PRO A 80 -2.39 -10.82 -19.03
N ASN A 81 -1.15 -10.61 -18.59
CA ASN A 81 -0.39 -11.73 -18.00
C ASN A 81 0.65 -11.23 -16.99
N PHE A 82 0.20 -10.55 -15.94
CA PHE A 82 1.16 -9.89 -15.02
C PHE A 82 0.86 -10.26 -13.59
N VAL A 83 1.86 -10.14 -12.73
CA VAL A 83 1.66 -10.24 -11.27
C VAL A 83 2.44 -9.09 -10.65
N ALA A 84 1.78 -8.23 -9.89
CA ALA A 84 2.44 -7.10 -9.24
C ALA A 84 2.41 -7.33 -7.73
N LEU A 85 3.59 -7.46 -7.13
CA LEU A 85 3.69 -7.79 -5.70
C LEU A 85 4.14 -6.60 -4.87
N THR A 86 3.52 -6.40 -3.70
CA THR A 86 3.96 -5.36 -2.77
C THR A 86 4.25 -6.12 -1.47
N ILE A 87 5.48 -6.03 -0.99
CA ILE A 87 5.89 -6.77 0.20
C ILE A 87 6.10 -5.76 1.33
N TYR A 88 5.30 -5.88 2.40
CA TYR A 88 5.43 -4.97 3.55
C TYR A 88 6.24 -5.67 4.63
N HIS A 89 7.37 -5.06 5.00
CA HIS A 89 8.19 -5.56 6.09
C HIS A 89 8.31 -4.49 7.18
N LEU A 90 8.84 -4.87 8.34
CA LEU A 90 9.28 -3.87 9.33
C LEU A 90 10.64 -3.29 8.98
N ALA A 91 10.84 -2.03 9.34
CA ALA A 91 12.11 -1.37 9.12
C ALA A 91 13.15 -2.00 10.03
N ARG A 92 14.41 -1.86 9.61
CA ARG A 92 15.57 -2.32 10.38
C ARG A 92 15.59 -3.83 10.59
N THR A 93 14.97 -4.58 9.68
CA THR A 93 14.87 -6.03 9.80
C THR A 93 15.92 -6.74 8.95
N THR A 95 19.42 -5.20 7.70
CA THR A 95 20.25 -4.03 7.44
C THR A 95 21.48 -4.36 6.58
N SER A 96 22.06 -5.56 6.75
CA SER A 96 23.26 -5.90 5.95
C SER A 96 22.97 -6.29 4.50
N ASP A 97 23.91 -6.01 3.61
CA ASP A 97 23.76 -6.46 2.24
C ASP A 97 23.59 -7.98 2.12
N GLU A 98 24.30 -8.73 2.95
CA GLU A 98 24.21 -10.20 2.99
C GLU A 98 22.80 -10.71 3.31
N GLN A 99 22.17 -10.14 4.35
CA GLN A 99 20.78 -10.49 4.69
C GLN A 99 19.83 -10.13 3.55
N ARG A 100 19.95 -8.91 3.04
CA ARG A 100 19.09 -8.45 1.91
C ARG A 100 19.23 -9.30 0.64
N GLN A 101 20.47 -9.54 0.24
CA GLN A 101 20.73 -10.44 -0.89
C GLN A 101 20.21 -11.85 -0.68
N GLY A 102 20.39 -12.38 0.53
CA GLY A 102 19.89 -13.71 0.87
C GLY A 102 18.37 -13.80 0.78
N PHE A 103 17.68 -12.73 1.24
CA PHE A 103 16.22 -12.67 1.16
C PHE A 103 15.76 -12.71 -0.30
N LEU A 104 16.37 -11.86 -1.14
CA LEU A 104 15.99 -11.80 -2.55
C LEU A 104 16.24 -13.14 -3.25
N LYS A 105 17.39 -13.75 -3.00
CA LYS A 105 17.66 -15.11 -3.54
C LYS A 105 16.54 -16.08 -3.16
N ARG A 106 16.16 -16.04 -1.88
CA ARG A 106 15.20 -17.00 -1.32
C ARG A 106 13.81 -16.82 -1.95
N ILE A 107 13.38 -15.58 -2.17
CA ILE A 107 12.09 -15.39 -2.85
C ILE A 107 12.14 -15.61 -4.35
N ASP A 108 13.25 -15.25 -5.00
CA ASP A 108 13.38 -15.51 -6.44
C ASP A 108 13.30 -17.03 -6.72
N ALA A 109 13.79 -17.80 -5.75
CA ALA A 109 13.82 -19.27 -5.84
C ALA A 109 12.45 -19.91 -6.03
N PHE A 110 11.39 -19.27 -5.56
CA PHE A 110 10.04 -19.76 -5.88
C PHE A 110 9.26 -18.88 -6.89
N LEU A 111 9.50 -17.56 -6.87
CA LEU A 111 8.78 -16.69 -7.82
C LEU A 111 9.17 -16.92 -9.27
N THR A 112 10.47 -17.06 -9.56
CA THR A 112 10.92 -17.15 -10.94
C THR A 112 10.43 -18.45 -11.61
N PRO A 113 10.61 -19.62 -10.95
CA PRO A 113 10.14 -20.87 -11.55
C PRO A 113 8.64 -20.96 -11.73
N PHE A 115 6.63 -18.19 -12.42
CA PHE A 115 6.15 -17.18 -13.38
C PHE A 115 6.79 -17.24 -14.76
N GLU A 116 8.10 -17.48 -14.80
CA GLU A 116 8.82 -17.44 -16.07
C GLU A 116 8.28 -18.39 -17.15
N PRO A 117 7.99 -19.66 -16.81
CA PRO A 117 7.49 -20.59 -17.84
C PRO A 117 6.09 -20.24 -18.33
N LYS A 118 5.35 -19.44 -17.56
CA LYS A 118 4.00 -18.98 -17.93
C LYS A 118 4.02 -17.72 -18.81
N GLY A 119 5.19 -17.15 -19.02
CA GLY A 119 5.35 -15.90 -19.75
C GLY A 119 4.94 -14.69 -18.95
N ILE A 120 4.72 -14.86 -17.64
CA ILE A 120 4.26 -13.77 -16.78
C ILE A 120 5.33 -12.66 -16.63
N ASP A 121 4.89 -11.41 -16.64
CA ASP A 121 5.77 -10.32 -16.22
C ASP A 121 5.47 -9.98 -14.78
N TRP A 122 6.48 -9.99 -13.93
CA TRP A 122 6.22 -9.79 -12.49
C TRP A 122 7.13 -8.72 -11.92
N GLU A 123 6.63 -7.98 -10.93
CA GLU A 123 7.45 -6.95 -10.30
C GLU A 123 7.18 -7.02 -8.80
N TYR A 124 8.24 -6.96 -8.00
CA TYR A 124 8.05 -6.80 -6.56
C TYR A 124 8.92 -5.67 -6.03
N PHE A 125 8.50 -5.12 -4.90
CA PHE A 125 9.41 -4.32 -4.07
C PHE A 125 8.95 -4.45 -2.64
N VAL A 126 9.83 -4.02 -1.74
CA VAL A 126 9.61 -4.15 -0.31
C VAL A 126 9.50 -2.74 0.26
N THR A 127 8.45 -2.51 1.04
CA THR A 127 8.29 -1.25 1.73
C THR A 127 8.35 -1.53 3.24
N GLU A 128 8.76 -0.53 4.04
CA GLU A 128 9.15 -0.79 5.44
C GLU A 128 8.32 0.05 6.41
N ALA A 129 8.04 -0.53 7.58
CA ALA A 129 7.26 0.18 8.56
C ALA A 129 7.89 0.06 9.97
N PRO A 130 7.73 1.07 10.83
CA PRO A 130 8.34 0.97 12.17
C PRO A 130 7.77 -0.14 13.04
N ARG A 131 8.66 -0.90 13.69
CA ARG A 131 8.23 -2.02 14.50
C ARG A 131 7.32 -1.59 15.66
N ASP A 132 7.51 -0.38 16.17
CA ASP A 132 6.77 0.00 17.37
C ASP A 132 5.28 0.32 17.16
N LEU A 133 4.81 0.37 15.91
CA LEU A 133 3.40 0.66 15.70
C LEU A 133 2.67 -0.56 15.11
N TRP A 134 3.21 -1.73 15.36
CA TRP A 134 2.67 -2.98 14.83
C TRP A 134 2.07 -3.80 15.97
N LYS A 135 0.82 -4.22 15.81
CA LYS A 135 0.18 -5.11 16.80
C LYS A 135 -0.61 -6.22 16.13
N ILE A 136 -0.63 -7.38 16.79
CA ILE A 136 -1.44 -8.53 16.39
C ILE A 136 -2.44 -8.86 17.51
N ASN A 137 -3.72 -8.95 17.17
CA ASN A 137 -4.78 -9.11 18.18
C ASN A 137 -4.58 -8.16 19.37
N GLY A 138 -4.17 -6.91 19.11
CA GLY A 138 -4.09 -5.93 20.21
C GLY A 138 -2.84 -6.08 21.07
N LEU A 139 -1.92 -6.94 20.66
CA LEU A 139 -0.68 -7.20 21.39
C LEU A 139 0.55 -6.81 20.59
N ALA A 140 1.50 -6.08 21.21
CA ALA A 140 2.86 -5.91 20.62
C ALA A 140 3.58 -7.26 20.58
N PRO A 141 3.90 -7.76 19.38
CA PRO A 141 4.55 -9.09 19.32
C PRO A 141 5.91 -9.14 20.05
N PRO A 142 6.37 -10.36 20.39
CA PRO A 142 7.59 -10.60 21.14
C PRO A 142 8.81 -10.14 20.38
N ALA A 143 9.84 -9.73 21.11
CA ALA A 143 11.13 -9.39 20.51
C ALA A 143 11.65 -10.55 19.68
N ALA A 144 12.29 -10.24 18.55
CA ALA A 144 12.85 -11.25 17.66
C ALA A 144 13.88 -12.10 18.38
N GLY A 145 13.87 -13.40 18.13
CA GLY A 145 14.77 -14.33 18.77
C GLY A 145 14.53 -14.62 20.26
N SER A 146 13.50 -14.01 20.86
CA SER A 146 13.26 -14.14 22.31
C SER A 146 12.57 -15.47 22.68
N GLU A 147 12.61 -15.82 23.97
CA GLU A 147 11.92 -17.03 24.41
C GLU A 147 10.41 -16.85 24.28
N GLU A 148 9.93 -15.63 24.50
CA GLU A 148 8.52 -15.29 24.32
C GLU A 148 8.14 -15.55 22.86
N GLU A 149 9.03 -15.20 21.91
CA GLU A 149 8.70 -15.47 20.49
C GLU A 149 8.61 -16.95 20.22
N LYS A 150 9.48 -17.73 20.84
CA LYS A 150 9.44 -19.18 20.66
C LYS A 150 8.09 -19.78 21.07
N VAL A 151 7.47 -19.22 22.13
CA VAL A 151 6.14 -19.64 22.56
C VAL A 151 5.10 -19.35 21.43
N TRP A 152 5.20 -18.17 20.84
CA TRP A 152 4.30 -17.81 19.72
C TRP A 152 4.49 -18.72 18.49
N VAL A 153 5.74 -19.08 18.20
CA VAL A 153 6.04 -20.05 17.13
C VAL A 153 5.40 -21.39 17.47
N ARG A 154 5.69 -21.89 18.66
CA ARG A 154 5.21 -23.19 19.09
C ARG A 154 3.65 -23.30 19.10
N GLU A 155 2.98 -22.29 19.65
CA GLU A 155 1.51 -22.26 19.71
C GLU A 155 0.87 -21.74 18.42
N ASN A 156 1.68 -21.10 17.57
CA ASN A 156 1.21 -20.52 16.30
C ASN A 156 0.01 -19.59 16.48
N ARG A 157 0.09 -18.73 17.48
CA ARG A 157 -0.97 -17.77 17.78
C ARG A 157 -0.41 -16.72 18.73
N PRO A 158 -1.07 -15.54 18.82
CA PRO A 158 -0.59 -14.50 19.74
C PRO A 158 -0.92 -14.81 21.19
N VAL A 159 0.00 -15.45 21.88
CA VAL A 159 -0.20 -15.84 23.26
C VAL A 159 -0.10 -14.62 24.18
N ARG A 160 -1.15 -14.36 24.96
CA ARG A 160 -1.09 -13.25 25.91
CA ARG A 160 -1.06 -13.24 25.88
C ARG A 160 -0.21 -13.61 27.09
N PHE A 161 0.76 -12.75 27.41
CA PHE A 161 1.52 -12.96 28.65
C PHE A 161 2.08 -11.73 29.37
N GLU B 15 11.07 16.60 -10.79
CA GLU B 15 12.04 16.00 -11.74
C GLU B 15 12.97 14.99 -11.07
N ASN B 16 13.97 14.55 -11.85
CA ASN B 16 15.15 13.85 -11.33
C ASN B 16 14.98 12.80 -10.25
N LEU B 17 15.35 13.13 -9.02
CA LEU B 17 15.14 12.29 -7.85
C LEU B 17 13.72 11.71 -7.78
N TYR B 18 12.73 12.45 -8.32
CA TYR B 18 11.30 12.11 -8.12
C TYR B 18 10.69 11.31 -9.31
N PHE B 19 11.42 11.26 -10.42
CA PHE B 19 10.99 10.51 -11.59
C PHE B 19 11.80 9.24 -11.88
N GLN B 20 12.57 8.75 -10.91
CA GLN B 20 13.41 7.56 -11.11
C GLN B 20 12.69 6.20 -11.01
N GLY B 21 11.45 6.19 -10.51
CA GLY B 21 10.69 4.95 -10.37
C GLY B 21 10.08 4.78 -8.98
N PRO B 23 7.61 3.46 -11.12
CA PRO B 23 6.62 3.81 -10.09
C PRO B 23 5.42 2.85 -10.12
N ARG B 24 4.69 2.75 -9.01
CA ARG B 24 3.48 1.93 -8.99
C ARG B 24 2.35 2.81 -8.46
N TRP B 25 1.30 3.00 -9.27
CA TRP B 25 0.16 3.82 -8.85
C TRP B 25 -1.04 2.92 -8.51
N LEU B 26 -1.62 3.14 -7.34
CA LEU B 26 -2.84 2.46 -6.93
C LEU B 26 -3.93 3.50 -6.83
N ILE B 27 -5.01 3.28 -7.58
CA ILE B 27 -6.05 4.32 -7.70
C ILE B 27 -7.38 3.68 -7.29
N GLN B 28 -7.80 3.99 -6.08
CA GLN B 28 -9.09 3.53 -5.55
C GLN B 28 -10.15 4.60 -5.86
N HIS B 29 -11.38 4.20 -6.17
CA HIS B 29 -12.40 5.19 -6.61
C HIS B 29 -13.80 4.64 -6.42
N SER B 30 -14.77 5.54 -6.32
CA SER B 30 -16.18 5.13 -6.17
C SER B 30 -16.75 4.57 -7.47
N PRO B 31 -17.90 3.88 -7.39
CA PRO B 31 -18.58 3.43 -8.62
C PRO B 31 -19.02 4.59 -9.50
N ASN B 32 -19.11 4.35 -10.80
CA ASN B 32 -19.68 5.35 -11.72
C ASN B 32 -18.96 6.70 -11.59
N THR B 33 -17.63 6.64 -11.48
CA THR B 33 -16.83 7.82 -11.22
C THR B 33 -15.82 8.12 -12.32
N LEU B 34 -15.12 7.07 -12.75
CA LEU B 34 -14.24 7.11 -13.91
C LEU B 34 -14.74 6.06 -14.90
N THR B 35 -14.82 6.43 -16.16
CA THR B 35 -15.23 5.45 -17.17
C THR B 35 -14.02 4.61 -17.57
N PRO B 36 -14.24 3.45 -18.20
CA PRO B 36 -13.09 2.69 -18.65
C PRO B 36 -12.15 3.51 -19.57
N GLU B 37 -12.73 4.36 -20.41
CA GLU B 37 -11.94 5.22 -21.30
C GLU B 37 -11.08 6.21 -20.51
N GLU B 38 -11.65 6.79 -19.48
CA GLU B 38 -10.90 7.70 -18.62
C GLU B 38 -9.76 7.02 -17.87
N LYS B 39 -10.00 5.82 -17.34
CA LYS B 39 -8.93 5.05 -16.67
C LYS B 39 -7.73 4.87 -17.62
N SER B 40 -8.04 4.50 -18.87
CA SER B 40 -7.01 4.21 -19.86
C SER B 40 -6.25 5.48 -20.23
N HIS B 41 -7.00 6.57 -20.40
CA HIS B 41 -6.37 7.85 -20.73
C HIS B 41 -5.47 8.34 -19.58
N LEU B 42 -5.95 8.22 -18.32
CA LEU B 42 -5.11 8.57 -17.18
C LEU B 42 -3.81 7.75 -17.13
N ALA B 43 -3.93 6.44 -17.36
CA ALA B 43 -2.77 5.58 -17.30
C ALA B 43 -1.74 6.00 -18.35
N GLN B 44 -2.21 6.39 -19.52
CA GLN B 44 -1.31 6.87 -20.59
C GLN B 44 -0.64 8.19 -20.24
N GLN B 45 -1.40 9.10 -19.66
CA GLN B 45 -0.83 10.36 -19.18
C GLN B 45 0.25 10.16 -18.10
N ILE B 46 -0.05 9.31 -17.13
CA ILE B 46 0.91 8.99 -16.06
C ILE B 46 2.17 8.39 -16.70
N THR B 47 1.97 7.45 -17.62
CA THR B 47 3.11 6.78 -18.30
C THR B 47 3.98 7.81 -19.01
N GLN B 48 3.36 8.70 -19.78
CA GLN B 48 4.11 9.73 -20.53
C GLN B 48 4.94 10.65 -19.61
N ALA B 49 4.41 10.97 -18.43
CA ALA B 49 5.13 11.81 -17.48
C ALA B 49 6.50 11.19 -17.13
N TYR B 50 6.52 9.91 -16.77
CA TYR B 50 7.79 9.25 -16.44
C TYR B 50 8.69 8.96 -17.66
N VAL B 51 8.05 8.59 -18.76
CA VAL B 51 8.78 8.34 -20.02
C VAL B 51 9.54 9.63 -20.41
N GLY B 52 8.93 10.77 -20.14
CA GLY B 52 9.57 12.09 -20.47
C GLY B 52 10.87 12.30 -19.70
N PHE B 53 11.03 11.57 -18.60
CA PHE B 53 12.25 11.65 -17.82
C PHE B 53 13.19 10.45 -18.03
N GLY B 54 13.00 9.73 -19.12
CA GLY B 54 13.90 8.65 -19.51
C GLY B 54 13.64 7.27 -18.92
N LEU B 55 12.52 7.08 -18.22
CA LEU B 55 12.13 5.76 -17.71
CA LEU B 55 12.14 5.78 -17.72
C LEU B 55 11.62 4.89 -18.85
N PRO B 56 11.98 3.58 -18.85
CA PRO B 56 11.33 2.68 -19.79
C PRO B 56 9.82 2.68 -19.53
N ALA B 57 9.03 2.74 -20.61
CA ALA B 57 7.58 2.78 -20.48
C ALA B 57 7.03 1.67 -19.60
N PHE B 58 7.54 0.45 -19.76
CA PHE B 58 6.99 -0.72 -19.06
C PHE B 58 7.18 -0.66 -17.51
N TYR B 59 8.04 0.23 -17.00
CA TYR B 59 8.15 0.38 -15.53
C TYR B 59 6.83 0.90 -14.92
N VAL B 60 6.07 1.65 -15.70
CA VAL B 60 4.95 2.41 -15.13
C VAL B 60 3.75 1.49 -14.99
N GLN B 61 3.38 1.19 -13.75
CA GLN B 61 2.19 0.38 -13.46
C GLN B 61 1.12 1.25 -12.81
N VAL B 62 -0.10 1.13 -13.32
CA VAL B 62 -1.22 1.88 -12.80
C VAL B 62 -2.37 0.91 -12.64
N HIS B 63 -2.83 0.73 -11.40
CA HIS B 63 -3.88 -0.25 -11.12
C HIS B 63 -5.05 0.46 -10.43
N PHE B 64 -6.24 0.28 -10.98
CA PHE B 64 -7.47 0.90 -10.45
C PHE B 64 -8.24 -0.13 -9.64
N ILE B 65 -8.80 0.30 -8.51
CA ILE B 65 -9.68 -0.59 -7.71
C ILE B 65 -10.97 0.14 -7.39
N GLU B 66 -12.06 -0.35 -7.97
CA GLU B 66 -13.36 0.25 -7.66
C GLU B 66 -13.82 -0.22 -6.29
N GLN B 67 -14.23 0.75 -5.48
CA GLN B 67 -14.73 0.50 -4.11
C GLN B 67 -16.26 0.54 -4.16
N PRO B 68 -16.94 -0.61 -3.91
CA PRO B 68 -18.42 -0.60 -3.88
C PRO B 68 -18.97 0.38 -2.85
N ALA B 69 -20.20 0.84 -3.07
CA ALA B 69 -20.86 1.75 -2.15
C ALA B 69 -20.87 1.05 -0.81
N GLY B 70 -20.57 1.76 0.26
CA GLY B 70 -20.53 1.19 1.59
C GLY B 70 -19.16 0.69 2.05
N THR B 71 -18.16 0.81 1.18
CA THR B 71 -16.81 0.34 1.53
C THR B 71 -15.82 1.49 1.69
N SER B 72 -16.27 2.72 1.43
CA SER B 72 -15.37 3.91 1.42
C SER B 72 -15.92 4.99 2.31
N PHE B 73 -15.05 5.56 3.14
CA PHE B 73 -15.47 6.60 4.09
C PHE B 73 -14.45 7.71 4.06
N ILE B 74 -14.96 8.93 3.88
CA ILE B 74 -14.12 10.13 3.87
C ILE B 74 -14.83 11.09 4.85
N GLY B 75 -14.15 11.41 5.95
CA GLY B 75 -14.78 12.16 7.04
C GLY B 75 -16.03 11.48 7.56
N GLY B 76 -16.08 10.16 7.41
CA GLY B 76 -17.21 9.35 7.82
C GLY B 76 -18.31 9.26 6.78
N GLU B 77 -18.21 10.05 5.71
CA GLU B 77 -19.24 10.11 4.63
C GLU B 77 -19.00 8.94 3.68
N GLN B 78 -20.04 8.19 3.33
CA GLN B 78 -19.89 7.27 2.18
C GLN B 78 -19.83 8.09 0.87
N HIS B 79 -18.61 8.45 0.48
CA HIS B 79 -18.42 9.38 -0.63
C HIS B 79 -18.66 8.70 -1.99
N PRO B 80 -19.63 9.23 -2.78
CA PRO B 80 -19.96 8.63 -4.08
C PRO B 80 -19.14 9.17 -5.28
N ASN B 81 -18.18 10.07 -5.06
CA ASN B 81 -17.51 10.70 -6.20
C ASN B 81 -16.06 11.08 -5.88
N PHE B 82 -15.25 10.09 -5.52
CA PHE B 82 -13.88 10.36 -5.04
C PHE B 82 -12.89 9.50 -5.84
N VAL B 83 -11.64 9.94 -5.83
CA VAL B 83 -10.48 9.15 -6.28
C VAL B 83 -9.38 9.31 -5.24
N ALA B 84 -8.88 8.18 -4.71
CA ALA B 84 -7.81 8.17 -3.72
C ALA B 84 -6.60 7.49 -4.34
N LEU B 85 -5.50 8.23 -4.47
CA LEU B 85 -4.33 7.68 -5.13
C LEU B 85 -3.20 7.42 -4.15
N THR B 86 -2.52 6.30 -4.34
CA THR B 86 -1.28 5.97 -3.63
C THR B 86 -0.19 5.78 -4.66
N ILE B 87 0.88 6.58 -4.55
CA ILE B 87 2.00 6.56 -5.52
C ILE B 87 3.24 5.96 -4.86
N TYR B 88 3.67 4.79 -5.32
CA TYR B 88 4.82 4.13 -4.71
C TYR B 88 6.06 4.49 -5.56
N HIS B 89 7.05 5.09 -4.91
CA HIS B 89 8.28 5.54 -5.54
C HIS B 89 9.48 4.93 -4.78
N LEU B 90 10.65 5.04 -5.40
CA LEU B 90 11.94 4.70 -4.80
C LEU B 90 12.35 5.77 -3.79
N ALA B 91 12.97 5.35 -2.69
CA ALA B 91 13.46 6.29 -1.69
C ALA B 91 14.55 7.18 -2.28
N ARG B 92 14.62 8.42 -1.83
CA ARG B 92 15.58 9.38 -2.40
C ARG B 92 16.84 9.54 -1.59
N THR B 93 17.96 9.86 -2.26
CA THR B 93 19.19 10.26 -1.56
C THR B 93 19.00 11.55 -0.76
N THR B 95 16.32 15.52 -0.43
CA THR B 95 15.11 16.28 -0.75
C THR B 95 15.47 17.49 -1.59
N SER B 96 14.74 17.69 -2.70
CA SER B 96 14.91 18.88 -3.55
C SER B 96 13.56 19.52 -3.82
N ASP B 97 13.36 20.73 -3.31
CA ASP B 97 12.12 21.45 -3.51
C ASP B 97 11.89 21.79 -4.97
N GLU B 98 12.93 22.18 -5.69
CA GLU B 98 12.85 22.46 -7.11
C GLU B 98 12.33 21.25 -7.94
N GLN B 99 12.97 20.10 -7.76
CA GLN B 99 12.56 18.87 -8.43
C GLN B 99 11.19 18.34 -7.98
N ARG B 100 10.89 18.42 -6.68
CA ARG B 100 9.60 17.99 -6.18
C ARG B 100 8.47 18.81 -6.80
N GLN B 101 8.66 20.13 -6.85
CA GLN B 101 7.66 21.04 -7.43
C GLN B 101 7.43 20.72 -8.89
N GLY B 102 8.50 20.33 -9.59
CA GLY B 102 8.41 19.86 -10.97
C GLY B 102 7.61 18.57 -11.14
N PHE B 103 7.81 17.63 -10.20
CA PHE B 103 7.01 16.39 -10.19
C PHE B 103 5.53 16.72 -9.92
N LEU B 104 5.25 17.50 -8.89
CA LEU B 104 3.85 17.82 -8.55
C LEU B 104 3.15 18.59 -9.65
N LYS B 105 3.83 19.56 -10.23
CA LYS B 105 3.28 20.32 -11.35
C LYS B 105 2.86 19.40 -12.51
N ARG B 106 3.75 18.49 -12.89
CA ARG B 106 3.48 17.56 -14.00
C ARG B 106 2.32 16.63 -13.71
N ILE B 107 2.20 16.08 -12.49
CA ILE B 107 1.04 15.22 -12.23
C ILE B 107 -0.25 16.02 -12.04
N ASP B 108 -0.17 17.22 -11.45
CA ASP B 108 -1.39 18.04 -11.30
C ASP B 108 -1.92 18.44 -12.68
N ALA B 109 -1.00 18.62 -13.64
CA ALA B 109 -1.39 19.01 -15.00
C ALA B 109 -2.31 18.02 -15.70
N PHE B 110 -2.29 16.74 -15.29
CA PHE B 110 -3.27 15.79 -15.83
C PHE B 110 -4.38 15.38 -14.85
N LEU B 111 -4.07 15.34 -13.56
CA LEU B 111 -5.09 14.92 -12.60
C LEU B 111 -6.18 15.97 -12.44
N THR B 112 -5.76 17.22 -12.30
CA THR B 112 -6.72 18.33 -12.05
C THR B 112 -7.72 18.48 -13.20
N PRO B 113 -7.22 18.57 -14.48
CA PRO B 113 -8.21 18.70 -15.58
C PRO B 113 -9.13 17.52 -15.75
N PHE B 115 -10.34 15.55 -13.10
CA PHE B 115 -11.20 15.39 -11.92
C PHE B 115 -12.06 16.62 -11.64
N GLU B 116 -11.47 17.79 -11.77
CA GLU B 116 -12.19 19.02 -11.41
C GLU B 116 -13.55 19.20 -12.16
N PRO B 117 -13.58 19.07 -13.50
CA PRO B 117 -14.90 19.20 -14.18
C PRO B 117 -15.94 18.09 -13.84
N LYS B 118 -15.50 17.01 -13.22
CA LYS B 118 -16.41 15.94 -12.81
C LYS B 118 -16.88 16.15 -11.37
N GLY B 119 -16.42 17.23 -10.72
CA GLY B 119 -16.73 17.45 -9.29
C GLY B 119 -16.14 16.38 -8.37
N ILE B 120 -15.12 15.67 -8.84
CA ILE B 120 -14.43 14.62 -8.02
C ILE B 120 -13.61 15.26 -6.89
N ASP B 121 -13.65 14.65 -5.70
CA ASP B 121 -12.68 14.97 -4.64
C ASP B 121 -11.58 13.94 -4.74
N TRP B 122 -10.33 14.40 -4.81
CA TRP B 122 -9.22 13.45 -4.98
C TRP B 122 -8.08 13.76 -4.04
N GLU B 123 -7.33 12.74 -3.66
CA GLU B 123 -6.17 12.90 -2.79
C GLU B 123 -5.08 11.96 -3.26
N TYR B 124 -3.85 12.46 -3.31
CA TYR B 124 -2.69 11.60 -3.55
C TYR B 124 -1.62 11.84 -2.50
N PHE B 125 -0.81 10.80 -2.31
CA PHE B 125 0.44 10.94 -1.60
C PHE B 125 1.43 9.93 -2.21
N VAL B 126 2.71 10.15 -1.93
CA VAL B 126 3.78 9.29 -2.40
C VAL B 126 4.39 8.59 -1.19
N THR B 127 4.63 7.29 -1.33
CA THR B 127 5.27 6.52 -0.31
C THR B 127 6.50 5.89 -0.96
N GLU B 128 7.57 5.71 -0.19
CA GLU B 128 8.86 5.36 -0.80
C GLU B 128 9.42 4.01 -0.31
N ALA B 129 10.23 3.38 -1.15
CA ALA B 129 10.74 2.01 -0.91
C ALA B 129 12.20 1.95 -1.35
N PRO B 130 13.04 1.16 -0.65
CA PRO B 130 14.46 1.06 -1.03
C PRO B 130 14.70 0.42 -2.38
N ARG B 131 15.54 1.06 -3.20
CA ARG B 131 15.80 0.59 -4.56
C ARG B 131 16.34 -0.81 -4.58
N ASP B 132 17.13 -1.18 -3.57
CA ASP B 132 17.83 -2.46 -3.64
C ASP B 132 16.93 -3.70 -3.44
N LEU B 133 15.68 -3.49 -3.02
CA LEU B 133 14.77 -4.63 -2.83
C LEU B 133 13.69 -4.69 -3.92
N TRP B 134 13.98 -4.07 -5.05
CA TRP B 134 13.04 -3.97 -6.19
C TRP B 134 13.57 -4.79 -7.37
N LYS B 135 12.72 -5.67 -7.91
CA LYS B 135 13.12 -6.41 -9.14
C LYS B 135 11.96 -6.52 -10.13
N ILE B 136 12.30 -6.61 -11.41
CA ILE B 136 11.29 -6.84 -12.44
C ILE B 136 11.70 -8.09 -13.20
N ASN B 137 10.78 -9.04 -13.33
CA ASN B 137 11.10 -10.35 -13.90
C ASN B 137 12.39 -10.92 -13.28
N GLY B 138 12.53 -10.72 -11.98
CA GLY B 138 13.64 -11.36 -11.25
C GLY B 138 15.00 -10.70 -11.45
N LEU B 139 15.00 -9.49 -12.03
CA LEU B 139 16.24 -8.76 -12.28
C LEU B 139 16.18 -7.40 -11.58
N ALA B 140 17.26 -7.00 -10.89
CA ALA B 140 17.32 -5.60 -10.41
C ALA B 140 17.46 -4.66 -11.59
N PRO B 141 16.59 -3.62 -11.69
CA PRO B 141 16.74 -2.71 -12.84
C PRO B 141 18.03 -1.90 -12.81
N PRO B 142 18.46 -1.42 -13.99
CA PRO B 142 19.71 -0.68 -14.11
C PRO B 142 19.65 0.65 -13.35
N ALA B 143 20.83 1.19 -13.06
CA ALA B 143 20.95 2.51 -12.43
C ALA B 143 20.29 3.58 -13.27
N ALA B 144 19.59 4.51 -12.62
CA ALA B 144 19.04 5.69 -13.26
C ALA B 144 20.10 6.38 -14.11
N GLY B 145 19.78 6.59 -15.40
CA GLY B 145 20.67 7.31 -16.32
C GLY B 145 21.83 6.54 -16.93
N SER B 146 21.93 5.25 -16.61
CA SER B 146 23.03 4.44 -17.11
C SER B 146 22.81 3.98 -18.56
N GLU B 147 23.89 3.45 -19.17
CA GLU B 147 23.79 2.83 -20.49
C GLU B 147 22.90 1.59 -20.41
N GLU B 148 23.02 0.80 -19.34
CA GLU B 148 22.15 -0.37 -19.15
C GLU B 148 20.67 0.04 -19.16
N GLU B 149 20.35 1.16 -18.54
CA GLU B 149 18.98 1.63 -18.55
C GLU B 149 18.51 1.94 -19.99
N LYS B 150 19.41 2.54 -20.78
CA LYS B 150 19.07 2.82 -22.18
C LYS B 150 18.71 1.56 -22.96
N VAL B 151 19.34 0.43 -22.60
CA VAL B 151 19.01 -0.85 -23.23
C VAL B 151 17.57 -1.26 -22.87
N TRP B 152 17.25 -1.15 -21.58
CA TRP B 152 15.89 -1.46 -21.13
C TRP B 152 14.85 -0.51 -21.75
N VAL B 153 15.22 0.75 -22.00
CA VAL B 153 14.32 1.69 -22.69
C VAL B 153 14.02 1.19 -24.11
N ARG B 154 15.09 0.84 -24.86
CA ARG B 154 15.02 0.46 -26.28
C ARG B 154 14.23 -0.80 -26.50
N GLU B 155 14.48 -1.77 -25.62
CA GLU B 155 13.83 -3.08 -25.67
C GLU B 155 12.47 -3.10 -24.99
N ASN B 156 12.22 -2.08 -24.16
CA ASN B 156 11.01 -1.96 -23.36
C ASN B 156 10.67 -3.25 -22.61
N ARG B 157 11.67 -3.86 -21.98
CA ARG B 157 11.52 -5.11 -21.20
C ARG B 157 12.81 -5.32 -20.39
N PRO B 158 12.75 -6.16 -19.33
CA PRO B 158 13.98 -6.47 -18.60
C PRO B 158 14.92 -7.36 -19.41
N VAL B 159 16.15 -6.88 -19.56
CA VAL B 159 17.15 -7.57 -20.38
C VAL B 159 18.26 -7.99 -19.44
N ARG B 160 18.62 -9.27 -19.50
CA ARG B 160 19.70 -9.76 -18.66
C ARG B 160 21.05 -9.28 -19.24
N PHE B 161 22.01 -8.97 -18.39
CA PHE B 161 23.37 -8.64 -18.87
C PHE B 161 24.39 -9.73 -18.49
N PHE C 19 -1.59 15.87 16.30
CA PHE C 19 -1.37 15.04 15.07
C PHE C 19 -1.55 15.89 13.84
N GLN C 20 -0.75 15.64 12.83
CA GLN C 20 -0.93 16.35 11.60
C GLN C 20 -0.78 15.43 10.40
N GLY C 21 -1.19 15.92 9.24
CA GLY C 21 -1.01 15.14 8.02
C GLY C 21 -2.13 14.12 7.81
N PRO C 23 -4.25 10.75 7.37
CA PRO C 23 -4.36 9.34 7.67
C PRO C 23 -5.20 8.62 6.61
N ARG C 24 -4.65 7.53 6.09
CA ARG C 24 -5.35 6.74 5.09
C ARG C 24 -5.31 5.29 5.61
N TRP C 25 -6.47 4.72 5.84
CA TRP C 25 -6.54 3.33 6.32
C TRP C 25 -7.08 2.40 5.22
N LEU C 26 -6.37 1.30 5.00
CA LEU C 26 -6.87 0.24 4.11
C LEU C 26 -7.21 -0.96 4.99
N ILE C 27 -8.42 -1.51 4.85
CA ILE C 27 -8.84 -2.58 5.74
C ILE C 27 -9.28 -3.78 4.87
N GLN C 28 -8.44 -4.79 4.79
CA GLN C 28 -8.76 -6.02 4.04
C GLN C 28 -9.36 -7.03 5.04
N HIS C 29 -10.35 -7.82 4.63
CA HIS C 29 -11.06 -8.69 5.59
C HIS C 29 -11.73 -9.83 4.85
N SER C 30 -12.00 -10.92 5.56
CA SER C 30 -12.72 -12.05 4.98
C SER C 30 -14.23 -11.76 4.78
N PRO C 31 -14.92 -12.60 3.96
CA PRO C 31 -16.35 -12.48 3.78
C PRO C 31 -17.06 -12.79 5.10
N ASN C 32 -18.26 -12.26 5.26
CA ASN C 32 -19.07 -12.55 6.44
C ASN C 32 -18.33 -12.32 7.74
N THR C 33 -17.64 -11.18 7.82
CA THR C 33 -16.75 -10.90 8.95
C THR C 33 -17.08 -9.55 9.53
N LEU C 34 -17.32 -8.55 8.68
CA LEU C 34 -17.81 -7.25 9.14
C LEU C 34 -19.06 -6.94 8.33
N THR C 35 -20.14 -6.59 9.01
CA THR C 35 -21.34 -6.12 8.31
C THR C 35 -21.14 -4.70 7.74
N PRO C 36 -22.00 -4.29 6.78
CA PRO C 36 -21.89 -2.88 6.34
C PRO C 36 -22.01 -1.89 7.49
N GLU C 37 -22.85 -2.19 8.49
CA GLU C 37 -23.02 -1.30 9.64
C GLU C 37 -21.75 -1.26 10.53
N GLU C 38 -21.07 -2.39 10.69
CA GLU C 38 -19.82 -2.45 11.45
C GLU C 38 -18.72 -1.68 10.73
N LYS C 39 -18.68 -1.78 9.40
CA LYS C 39 -17.65 -1.06 8.64
C LYS C 39 -17.83 0.45 8.83
N SER C 40 -19.08 0.91 8.66
CA SER C 40 -19.39 2.33 8.87
C SER C 40 -19.04 2.77 10.28
N HIS C 41 -19.45 1.96 11.26
CA HIS C 41 -19.12 2.26 12.66
C HIS C 41 -17.62 2.33 12.92
N LEU C 42 -16.88 1.35 12.40
CA LEU C 42 -15.44 1.37 12.54
C LEU C 42 -14.80 2.63 11.87
N ALA C 43 -15.16 2.93 10.62
CA ALA C 43 -14.62 4.10 9.92
C ALA C 43 -14.90 5.39 10.67
N GLN C 44 -16.08 5.48 11.27
CA GLN C 44 -16.48 6.65 12.04
C GLN C 44 -15.77 6.76 13.41
N GLN C 45 -15.42 5.62 14.02
CA GLN C 45 -14.60 5.67 15.22
C GLN C 45 -13.18 6.08 14.88
N ILE C 46 -12.67 5.58 13.75
CA ILE C 46 -11.35 6.01 13.26
C ILE C 46 -11.37 7.53 13.03
N THR C 47 -12.40 7.98 12.33
CA THR C 47 -12.52 9.41 12.02
C THR C 47 -12.58 10.26 13.30
N GLN C 48 -13.39 9.81 14.28
CA GLN C 48 -13.54 10.52 15.56
C GLN C 48 -12.17 10.70 16.24
N ALA C 49 -11.35 9.66 16.18
CA ALA C 49 -10.06 9.65 16.84
C ALA C 49 -9.18 10.78 16.29
N TYR C 50 -9.10 10.88 14.98
CA TYR C 50 -8.34 11.97 14.37
C TYR C 50 -9.00 13.33 14.54
N VAL C 51 -10.32 13.40 14.42
CA VAL C 51 -11.01 14.70 14.66
C VAL C 51 -10.64 15.19 16.06
N GLY C 52 -10.55 14.27 17.02
CA GLY C 52 -10.10 14.59 18.37
C GLY C 52 -8.68 15.11 18.46
N PHE C 53 -7.82 14.74 17.49
CA PHE C 53 -6.43 15.26 17.42
C PHE C 53 -6.41 16.65 16.73
N GLY C 54 -7.55 17.09 16.21
CA GLY C 54 -7.63 18.40 15.61
C GLY C 54 -7.65 18.41 14.08
N LEU C 55 -7.75 17.24 13.46
CA LEU C 55 -7.71 17.23 12.01
C LEU C 55 -9.06 17.57 11.42
N PRO C 56 -9.08 18.24 10.25
CA PRO C 56 -10.32 18.30 9.49
C PRO C 56 -10.77 16.88 9.18
N ALA C 57 -12.05 16.58 9.38
CA ALA C 57 -12.57 15.21 9.28
C ALA C 57 -12.38 14.65 7.89
N PHE C 58 -12.50 15.51 6.86
CA PHE C 58 -12.39 15.04 5.49
C PHE C 58 -11.00 14.54 5.10
N TYR C 59 -9.96 14.85 5.89
CA TYR C 59 -8.67 14.20 5.71
C TYR C 59 -8.70 12.69 5.92
N VAL C 60 -9.62 12.20 6.75
CA VAL C 60 -9.57 10.79 7.18
C VAL C 60 -10.23 9.92 6.11
N GLN C 61 -9.47 9.02 5.48
CA GLN C 61 -10.05 8.10 4.50
C GLN C 61 -9.87 6.67 4.98
N VAL C 62 -10.96 5.93 5.00
CA VAL C 62 -10.98 4.51 5.40
C VAL C 62 -11.64 3.71 4.26
N HIS C 63 -10.90 2.76 3.69
CA HIS C 63 -11.44 1.97 2.57
C HIS C 63 -11.31 0.50 2.93
N PHE C 64 -12.40 -0.24 2.72
CA PHE C 64 -12.44 -1.66 3.03
C PHE C 64 -12.36 -2.47 1.75
N ILE C 65 -11.66 -3.60 1.79
CA ILE C 65 -11.66 -4.50 0.65
C ILE C 65 -11.94 -5.91 1.16
N GLU C 66 -13.07 -6.46 0.73
CA GLU C 66 -13.39 -7.82 1.07
C GLU C 66 -12.58 -8.74 0.17
N GLN C 67 -11.88 -9.67 0.78
CA GLN C 67 -11.09 -10.72 0.10
C GLN C 67 -11.91 -11.99 -0.05
N PRO C 68 -12.33 -12.31 -1.28
CA PRO C 68 -13.10 -13.53 -1.43
C PRO C 68 -12.36 -14.75 -0.91
N ALA C 69 -13.11 -15.77 -0.52
CA ALA C 69 -12.46 -17.01 -0.08
C ALA C 69 -11.57 -17.53 -1.22
N GLY C 70 -10.38 -18.00 -0.92
CA GLY C 70 -9.48 -18.38 -2.00
C GLY C 70 -8.38 -17.33 -2.26
N THR C 71 -8.56 -16.15 -1.70
CA THR C 71 -7.66 -15.04 -2.05
C THR C 71 -6.77 -14.60 -0.90
N SER C 72 -7.02 -15.14 0.30
CA SER C 72 -6.27 -14.67 1.50
C SER C 72 -5.71 -15.85 2.23
N PHE C 73 -4.44 -15.74 2.61
CA PHE C 73 -3.78 -16.83 3.30
C PHE C 73 -3.05 -16.27 4.51
N ILE C 74 -3.26 -16.90 5.66
CA ILE C 74 -2.52 -16.55 6.88
C ILE C 74 -1.86 -17.82 7.35
N GLY C 75 -0.53 -17.82 7.45
CA GLY C 75 0.20 -19.04 7.77
C GLY C 75 0.00 -20.09 6.70
N GLY C 76 -0.23 -19.66 5.47
CA GLY C 76 -0.36 -20.59 4.35
C GLY C 76 -1.74 -21.22 4.21
N GLU C 77 -2.68 -20.85 5.09
CA GLU C 77 -4.03 -21.40 5.02
C GLU C 77 -5.07 -20.31 4.92
N GLN C 78 -6.20 -20.63 4.27
CA GLN C 78 -7.29 -19.67 4.20
C GLN C 78 -7.77 -19.43 5.63
N HIS C 79 -8.06 -18.17 5.94
CA HIS C 79 -8.60 -17.77 7.24
C HIS C 79 -9.97 -17.14 7.01
N PRO C 80 -11.04 -17.68 7.65
CA PRO C 80 -12.40 -17.17 7.40
C PRO C 80 -12.84 -15.97 8.26
N ASN C 81 -11.98 -15.45 9.13
CA ASN C 81 -12.43 -14.48 10.14
C ASN C 81 -11.33 -13.52 10.54
N PHE C 82 -10.81 -12.76 9.57
CA PHE C 82 -9.63 -11.93 9.83
C PHE C 82 -9.87 -10.49 9.35
N VAL C 83 -9.14 -9.56 9.95
CA VAL C 83 -9.09 -8.20 9.48
C VAL C 83 -7.60 -7.74 9.47
N ALA C 84 -7.12 -7.32 8.30
CA ALA C 84 -5.75 -6.82 8.13
C ALA C 84 -5.81 -5.34 7.79
N LEU C 85 -5.25 -4.51 8.68
CA LEU C 85 -5.33 -3.05 8.54
C LEU C 85 -3.94 -2.53 8.18
N THR C 86 -3.88 -1.62 7.22
CA THR C 86 -2.64 -0.93 6.88
C THR C 86 -2.95 0.53 7.11
N ILE C 87 -2.15 1.19 7.96
CA ILE C 87 -2.42 2.60 8.19
CA ILE C 87 -2.38 2.61 8.31
C ILE C 87 -1.28 3.51 7.72
N TYR C 88 -1.62 4.39 6.78
CA TYR C 88 -0.64 5.28 6.19
C TYR C 88 -0.74 6.62 6.90
N HIS C 89 0.39 7.04 7.50
CA HIS C 89 0.60 8.38 8.05
C HIS C 89 1.72 9.07 7.28
N LEU C 90 1.90 10.36 7.58
CA LEU C 90 3.05 11.13 7.12
C LEU C 90 4.23 11.07 8.11
N ALA C 91 5.44 11.27 7.60
CA ALA C 91 6.68 11.13 8.36
C ALA C 91 6.74 12.17 9.48
N ARG C 92 7.32 11.78 10.62
CA ARG C 92 7.54 12.67 11.77
C ARG C 92 6.26 13.29 12.35
N THR C 93 5.13 12.58 12.23
CA THR C 93 3.86 13.10 12.74
C THR C 93 3.58 12.65 14.20
N THR C 95 6.39 11.77 16.76
CA THR C 95 7.83 11.50 16.99
C THR C 95 8.14 10.92 18.37
N SER C 96 7.38 11.31 19.39
CA SER C 96 7.70 10.85 20.75
C SER C 96 7.13 9.48 21.07
N ASP C 97 7.82 8.75 21.94
CA ASP C 97 7.27 7.51 22.51
C ASP C 97 5.86 7.71 23.14
N GLU C 98 5.67 8.83 23.84
CA GLU C 98 4.36 9.15 24.44
C GLU C 98 3.22 9.32 23.43
N GLN C 99 3.47 10.04 22.36
CA GLN C 99 2.50 10.20 21.28
C GLN C 99 2.17 8.85 20.65
N ARG C 100 3.20 8.06 20.35
CA ARG C 100 3.01 6.78 19.66
C ARG C 100 2.22 5.81 20.52
N GLN C 101 2.62 5.73 21.78
CA GLN C 101 1.91 4.89 22.74
C GLN C 101 0.44 5.32 22.94
N GLY C 102 0.22 6.64 23.00
CA GLY C 102 -1.12 7.20 23.14
C GLY C 102 -1.99 6.85 21.93
N PHE C 103 -1.39 6.93 20.74
CA PHE C 103 -2.08 6.57 19.49
C PHE C 103 -2.54 5.11 19.52
N LEU C 104 -1.63 4.22 19.92
CA LEU C 104 -1.97 2.80 19.96
C LEU C 104 -3.09 2.53 20.98
N LYS C 105 -3.01 3.15 22.16
CA LYS C 105 -4.08 3.06 23.17
C LYS C 105 -5.43 3.49 22.58
N ARG C 106 -5.41 4.61 21.87
CA ARG C 106 -6.64 5.23 21.34
C ARG C 106 -7.28 4.35 20.28
N ILE C 107 -6.46 3.78 19.37
CA ILE C 107 -7.07 2.89 18.38
C ILE C 107 -7.43 1.51 18.95
N ASP C 108 -6.61 0.95 19.84
CA ASP C 108 -7.00 -0.31 20.51
C ASP C 108 -8.36 -0.20 21.23
N ALA C 109 -8.63 0.99 21.78
CA ALA C 109 -9.88 1.26 22.50
C ALA C 109 -11.13 1.01 21.66
N PHE C 110 -11.03 1.13 20.33
CA PHE C 110 -12.19 0.78 19.48
C PHE C 110 -12.03 -0.49 18.64
N LEU C 111 -10.80 -0.84 18.26
CA LEU C 111 -10.57 -2.09 17.51
C LEU C 111 -10.80 -3.34 18.35
N THR C 112 -10.20 -3.37 19.54
CA THR C 112 -10.29 -4.57 20.37
C THR C 112 -11.76 -4.94 20.69
N PRO C 113 -12.57 -3.97 21.17
CA PRO C 113 -13.95 -4.35 21.53
C PRO C 113 -14.83 -4.70 20.36
N PHE C 115 -13.53 -6.41 17.52
CA PHE C 115 -13.03 -7.71 16.97
C PHE C 115 -13.02 -8.85 17.96
N GLU C 116 -12.64 -8.59 19.20
CA GLU C 116 -12.54 -9.69 20.18
C GLU C 116 -13.83 -10.52 20.38
N PRO C 117 -15.01 -9.87 20.57
CA PRO C 117 -16.27 -10.63 20.77
C PRO C 117 -16.66 -11.47 19.56
N LYS C 118 -16.07 -11.14 18.40
CA LYS C 118 -16.32 -11.88 17.15
C LYS C 118 -15.29 -12.99 16.89
N GLY C 119 -14.29 -13.12 17.76
CA GLY C 119 -13.22 -14.08 17.55
C GLY C 119 -12.30 -13.75 16.39
N ILE C 120 -12.39 -12.50 15.93
CA ILE C 120 -11.60 -12.05 14.77
C ILE C 120 -10.10 -12.03 15.10
N ASP C 121 -9.24 -12.46 14.17
CA ASP C 121 -7.81 -12.21 14.31
C ASP C 121 -7.52 -10.99 13.47
N TRP C 122 -6.80 -10.03 14.05
CA TRP C 122 -6.53 -8.79 13.34
C TRP C 122 -5.08 -8.34 13.54
N GLU C 123 -4.59 -7.57 12.59
CA GLU C 123 -3.23 -7.05 12.68
C GLU C 123 -3.21 -5.68 12.02
N TYR C 124 -2.54 -4.75 12.67
CA TYR C 124 -2.33 -3.44 12.05
C TYR C 124 -0.85 -3.06 12.08
N PHE C 125 -0.46 -2.19 11.18
CA PHE C 125 0.82 -1.50 11.29
C PHE C 125 0.69 -0.14 10.60
N VAL C 126 1.57 0.77 10.97
CA VAL C 126 1.54 2.14 10.43
C VAL C 126 2.78 2.30 9.56
N THR C 127 2.61 2.88 8.38
CA THR C 127 3.72 3.15 7.51
C THR C 127 3.73 4.68 7.30
N GLU C 128 4.90 5.27 7.04
CA GLU C 128 4.99 6.73 7.03
C GLU C 128 5.52 7.19 5.68
N ALA C 129 4.97 8.31 5.21
CA ALA C 129 5.30 8.83 3.89
C ALA C 129 5.77 10.28 3.97
N PRO C 130 6.59 10.73 3.00
CA PRO C 130 7.03 12.15 3.04
C PRO C 130 5.90 13.18 3.08
N ARG C 131 6.06 14.20 3.94
CA ARG C 131 5.02 15.21 4.16
C ARG C 131 4.69 16.04 2.93
N ASP C 132 5.71 16.33 2.13
CA ASP C 132 5.63 17.31 1.04
C ASP C 132 5.08 16.74 -0.29
N LEU C 133 4.68 15.47 -0.32
CA LEU C 133 4.14 14.88 -1.56
C LEU C 133 2.64 14.51 -1.47
N TRP C 134 1.92 15.18 -0.57
CA TRP C 134 0.50 14.92 -0.27
C TRP C 134 -0.32 16.15 -0.68
N LYS C 135 -1.35 15.95 -1.51
CA LYS C 135 -2.26 17.05 -1.88
C LYS C 135 -3.69 16.54 -1.92
N ILE C 136 -4.64 17.44 -1.65
CA ILE C 136 -6.07 17.10 -1.70
C ILE C 136 -6.70 18.10 -2.66
N ASN C 137 -7.45 17.61 -3.64
CA ASN C 137 -7.95 18.45 -4.73
C ASN C 137 -6.88 19.38 -5.32
N GLY C 138 -5.67 18.85 -5.48
CA GLY C 138 -4.56 19.58 -6.08
C GLY C 138 -3.98 20.68 -5.21
N LEU C 139 -4.33 20.69 -3.92
CA LEU C 139 -3.81 21.69 -2.99
C LEU C 139 -2.98 21.06 -1.88
N ALA C 140 -1.83 21.65 -1.53
CA ALA C 140 -1.09 21.16 -0.36
C ALA C 140 -1.78 21.65 0.92
N PRO C 141 -2.19 20.73 1.81
CA PRO C 141 -2.95 21.20 2.97
C PRO C 141 -2.16 22.15 3.86
N PRO C 142 -2.87 23.02 4.60
CA PRO C 142 -2.16 24.02 5.40
C PRO C 142 -1.48 23.45 6.67
N ALA C 143 -0.62 24.27 7.28
CA ALA C 143 0.13 23.85 8.47
C ALA C 143 -0.80 23.61 9.66
N ALA C 144 -0.49 22.59 10.45
CA ALA C 144 -1.20 22.33 11.70
C ALA C 144 -1.20 23.59 12.57
N GLY C 145 -2.36 23.93 13.10
CA GLY C 145 -2.50 25.06 14.00
C GLY C 145 -2.67 26.40 13.32
N SER C 146 -2.58 26.43 11.99
CA SER C 146 -2.56 27.71 11.27
C SER C 146 -3.97 28.28 11.09
N GLU C 147 -4.05 29.56 10.75
CA GLU C 147 -5.34 30.20 10.43
C GLU C 147 -6.00 29.59 9.19
N GLU C 148 -5.17 29.20 8.22
CA GLU C 148 -5.65 28.56 7.01
C GLU C 148 -6.27 27.21 7.32
N GLU C 149 -5.67 26.45 8.23
CA GLU C 149 -6.27 25.17 8.63
C GLU C 149 -7.65 25.37 9.29
N LYS C 150 -7.81 26.43 10.06
CA LYS C 150 -9.09 26.67 10.72
C LYS C 150 -10.16 26.88 9.66
N VAL C 151 -9.79 27.54 8.57
CA VAL C 151 -10.71 27.76 7.44
C VAL C 151 -11.07 26.44 6.76
N TRP C 152 -10.07 25.58 6.57
CA TRP C 152 -10.31 24.26 6.01
C TRP C 152 -11.25 23.45 6.91
N VAL C 153 -11.02 23.48 8.22
CA VAL C 153 -11.89 22.80 9.22
C VAL C 153 -13.32 23.33 9.13
N ARG C 154 -13.45 24.65 9.15
CA ARG C 154 -14.76 25.29 9.13
C ARG C 154 -15.57 24.95 7.89
N GLU C 155 -14.91 25.03 6.72
CA GLU C 155 -15.53 24.69 5.44
C GLU C 155 -15.59 23.16 5.17
N ASN C 156 -14.83 22.37 5.94
CA ASN C 156 -14.70 20.91 5.73
C ASN C 156 -14.46 20.61 4.24
N ARG C 157 -13.62 21.43 3.58
CA ARG C 157 -13.16 21.19 2.19
C ARG C 157 -11.80 21.86 1.97
N PRO C 158 -11.07 21.45 0.90
CA PRO C 158 -9.82 22.16 0.59
C PRO C 158 -10.12 23.56 0.07
N VAL C 159 -9.62 24.57 0.76
CA VAL C 159 -9.86 25.96 0.36
C VAL C 159 -8.62 26.55 -0.27
N ARG C 160 -8.80 27.09 -1.46
CA ARG C 160 -7.74 27.79 -2.15
C ARG C 160 -7.69 29.25 -1.66
N PHE C 161 -6.49 29.73 -1.31
CA PHE C 161 -6.30 31.11 -0.86
C PHE C 161 -5.64 31.97 -1.95
#